data_8RAF
#
_entry.id   8RAF
#
_cell.length_a   85.392
_cell.length_b   72.627
_cell.length_c   52.244
_cell.angle_alpha   90.00
_cell.angle_beta   100.80
_cell.angle_gamma   90.00
#
_symmetry.space_group_name_H-M   'C 1 2 1'
#
loop_
_entity.id
_entity.type
_entity.pdbx_description
1 polymer 'Aminotransferase class IV'
2 non-polymer "PYRIDOXAL-5'-PHOSPHATE"
3 water water
#
_entity_poly.entity_id   1
_entity_poly.type   'polypeptide(L)'
_entity_poly.pdbx_seq_one_letter_code
;GHMIKYYNINGQQVPVENATLHVSDLSILRGYGIFDYFLAREGHPLFLDDYLNRFYRSAAELYLEIPFDKAELRRQIYAL
LQANEVREAGIILVLTGGYSPDGYTPVNPNLLIMMYDLPASAWEFSAQGIKIITHPFQRELPEVKTINYSTGIRMLKTIK
ERGATDLIYVDQGEWIRESARSNFFLVMPDNTIVTADEKILWGITRRQVIDAAREAGYAVEERRIHITELDQAREAFFTS
TIKGVMAIGQIDDRVFGDGTIGKVTQELQDLFVGKVKAYLETC
;
_entity_poly.pdbx_strand_id   A
#
loop_
_chem_comp.id
_chem_comp.type
_chem_comp.name
_chem_comp.formula
PLP non-polymer PYRIDOXAL-5'-PHOSPHATE 'C8 H10 N O6 P'
#
# COMPACT_ATOMS: atom_id res chain seq x y z
N MET A 3 -3.19 -11.85 -21.35
CA MET A 3 -2.17 -10.73 -21.50
C MET A 3 -2.88 -9.38 -21.48
N ILE A 4 -2.30 -8.35 -20.86
CA ILE A 4 -3.06 -7.07 -20.68
C ILE A 4 -3.05 -6.28 -22.00
N LYS A 5 -4.22 -5.85 -22.43
CA LYS A 5 -4.43 -5.21 -23.76
C LYS A 5 -4.55 -3.69 -23.61
N TYR A 6 -5.29 -3.26 -22.59
CA TYR A 6 -5.69 -1.84 -22.45
C TYR A 6 -5.37 -1.33 -21.06
N TYR A 7 -5.07 -0.04 -20.99
CA TYR A 7 -5.21 0.79 -19.78
C TYR A 7 -6.35 1.79 -20.04
N ASN A 8 -6.66 2.61 -19.04
CA ASN A 8 -7.63 3.72 -19.17
C ASN A 8 -6.94 5.05 -18.85
N ILE A 9 -6.97 6.01 -19.78
CA ILE A 9 -6.52 7.39 -19.55
C ILE A 9 -7.71 8.32 -19.75
N ASN A 10 -8.07 9.03 -18.69
CA ASN A 10 -9.11 10.06 -18.61
C ASN A 10 -10.41 9.50 -19.22
N GLY A 11 -10.83 8.32 -18.80
CA GLY A 11 -12.08 7.69 -19.26
C GLY A 11 -11.98 7.04 -20.63
N GLN A 12 -10.84 7.06 -21.31
CA GLN A 12 -10.69 6.38 -22.63
C GLN A 12 -9.88 5.09 -22.48
N GLN A 13 -10.40 3.96 -22.93
CA GLN A 13 -9.63 2.70 -23.00
C GLN A 13 -8.56 2.91 -24.09
N VAL A 14 -7.27 2.71 -23.78
CA VAL A 14 -6.16 2.88 -24.75
CA VAL A 14 -6.12 2.91 -24.71
C VAL A 14 -5.31 1.62 -24.73
N PRO A 15 -4.84 1.14 -25.90
CA PRO A 15 -3.88 0.04 -25.94
C PRO A 15 -2.67 0.51 -25.12
N VAL A 16 -2.07 -0.44 -24.39
CA VAL A 16 -1.02 -0.20 -23.37
C VAL A 16 0.13 0.51 -24.07
N GLU A 17 0.41 0.15 -25.32
CA GLU A 17 1.56 0.74 -26.06
C GLU A 17 1.23 2.17 -26.49
N ASN A 18 0.00 2.66 -26.37
CA ASN A 18 -0.27 4.08 -26.72
C ASN A 18 -0.62 4.88 -25.44
N ALA A 19 -0.40 4.30 -24.28
CA ALA A 19 -0.77 4.91 -22.99
C ALA A 19 0.37 5.82 -22.55
N THR A 20 0.30 7.10 -22.89
CA THR A 20 1.36 8.13 -22.66
C THR A 20 0.74 9.39 -22.05
N LEU A 21 1.58 10.21 -21.49
CA LEU A 21 1.27 11.58 -21.05
C LEU A 21 2.26 12.50 -21.76
N HIS A 22 1.80 13.68 -22.07
CA HIS A 22 2.66 14.78 -22.53
C HIS A 22 3.58 15.16 -21.35
N VAL A 23 4.80 15.59 -21.69
CA VAL A 23 5.90 15.79 -20.73
C VAL A 23 5.61 17.01 -19.80
N SER A 24 4.60 17.82 -20.12
CA SER A 24 4.15 18.98 -19.30
C SER A 24 3.32 18.52 -18.10
N ASP A 25 2.99 17.22 -18.02
CA ASP A 25 2.26 16.67 -16.84
C ASP A 25 3.04 16.97 -15.54
N LEU A 26 2.31 17.43 -14.53
CA LEU A 26 2.96 17.80 -13.24
C LEU A 26 3.54 16.62 -12.46
N SER A 27 3.18 15.38 -12.76
CA SER A 27 3.78 14.20 -12.07
C SER A 27 5.24 14.13 -12.53
N ILE A 28 5.46 14.31 -13.82
CA ILE A 28 6.78 14.18 -14.47
C ILE A 28 7.70 15.30 -13.96
N LEU A 29 7.19 16.55 -13.95
CA LEU A 29 8.01 17.77 -13.65
C LEU A 29 8.12 18.03 -12.14
N ARG A 30 7.08 17.72 -11.37
CA ARG A 30 6.95 18.23 -9.98
C ARG A 30 6.54 17.14 -8.99
N GLY A 31 6.49 15.87 -9.41
CA GLY A 31 5.99 14.77 -8.59
C GLY A 31 4.70 15.10 -7.87
N TYR A 32 3.74 15.67 -8.59
CA TYR A 32 2.50 16.15 -7.96
C TYR A 32 1.44 15.13 -8.32
N GLY A 33 0.96 14.37 -7.36
CA GLY A 33 -0.19 13.54 -7.65
C GLY A 33 -0.39 12.45 -6.63
N ILE A 34 -1.41 11.64 -6.87
CA ILE A 34 -1.78 10.63 -5.87
C ILE A 34 -1.90 9.29 -6.60
N PHE A 35 -1.78 8.23 -5.80
N PHE A 35 -1.79 8.21 -5.85
CA PHE A 35 -1.58 6.80 -6.20
CA PHE A 35 -1.96 6.88 -6.47
C PHE A 35 -2.59 5.96 -5.40
C PHE A 35 -2.47 5.88 -5.45
N ASP A 36 -3.14 4.89 -5.99
CA ASP A 36 -3.72 3.78 -5.23
C ASP A 36 -3.47 2.51 -6.04
N TYR A 37 -3.51 1.40 -5.34
CA TYR A 37 -3.24 0.04 -5.87
C TYR A 37 -4.11 -0.92 -5.09
N PHE A 38 -4.76 -1.83 -5.80
CA PHE A 38 -5.59 -2.89 -5.18
C PHE A 38 -5.54 -4.09 -6.11
N LEU A 39 -5.84 -5.26 -5.54
CA LEU A 39 -5.88 -6.53 -6.26
C LEU A 39 -7.32 -6.74 -6.70
N ALA A 40 -7.49 -7.53 -7.77
CA ALA A 40 -8.78 -8.13 -8.16
C ALA A 40 -8.64 -9.66 -8.10
N ARG A 41 -9.63 -10.31 -7.47
CA ARG A 41 -9.79 -11.77 -7.42
C ARG A 41 -11.22 -12.12 -7.83
N GLU A 42 -11.40 -13.22 -8.56
CA GLU A 42 -12.72 -13.74 -8.99
C GLU A 42 -13.43 -12.63 -9.75
N GLY A 43 -12.70 -11.84 -10.53
CA GLY A 43 -13.26 -10.67 -11.24
C GLY A 43 -13.62 -9.48 -10.35
N HIS A 44 -13.17 -9.39 -9.10
CA HIS A 44 -13.65 -8.33 -8.16
C HIS A 44 -12.51 -7.60 -7.49
N PRO A 45 -12.38 -6.27 -7.68
CA PRO A 45 -11.45 -5.48 -6.87
C PRO A 45 -11.77 -5.67 -5.38
N LEU A 46 -10.77 -6.10 -4.61
CA LEU A 46 -10.95 -6.39 -3.17
C LEU A 46 -11.22 -5.08 -2.41
N PHE A 47 -12.17 -5.08 -1.46
CA PHE A 47 -12.51 -3.91 -0.57
C PHE A 47 -12.59 -2.59 -1.33
N LEU A 48 -13.20 -2.63 -2.53
CA LEU A 48 -13.02 -1.54 -3.51
C LEU A 48 -13.51 -0.24 -2.88
N ASP A 49 -14.67 -0.28 -2.22
CA ASP A 49 -15.22 0.96 -1.68
C ASP A 49 -14.19 1.64 -0.75
N ASP A 50 -13.49 0.87 0.07
CA ASP A 50 -12.44 1.44 0.98
C ASP A 50 -11.29 2.05 0.15
N TYR A 51 -10.79 1.36 -0.87
CA TYR A 51 -9.68 1.87 -1.72
C TYR A 51 -10.15 3.15 -2.40
N LEU A 52 -11.37 3.16 -2.96
CA LEU A 52 -11.88 4.32 -3.72
C LEU A 52 -12.13 5.48 -2.76
N ASN A 53 -12.69 5.22 -1.57
CA ASN A 53 -12.85 6.32 -0.60
C ASN A 53 -11.46 6.92 -0.36
N ARG A 54 -10.42 6.11 -0.21
CA ARG A 54 -9.08 6.65 0.12
C ARG A 54 -8.54 7.49 -1.05
N PHE A 55 -8.81 7.07 -2.26
CA PHE A 55 -8.34 7.77 -3.47
C PHE A 55 -8.96 9.17 -3.51
N TYR A 56 -10.25 9.25 -3.27
CA TYR A 56 -11.01 10.53 -3.24
C TYR A 56 -10.48 11.39 -2.07
N ARG A 57 -10.11 10.79 -0.92
CA ARG A 57 -9.56 11.56 0.24
C ARG A 57 -8.14 12.09 -0.10
N SER A 58 -7.26 11.24 -0.63
CA SER A 58 -5.91 11.67 -1.13
C SER A 58 -6.08 12.86 -2.08
N ALA A 59 -6.94 12.69 -3.09
CA ALA A 59 -7.16 13.68 -4.16
C ALA A 59 -7.57 14.98 -3.48
N ALA A 60 -8.51 14.95 -2.54
CA ALA A 60 -9.01 16.19 -1.85
C ALA A 60 -7.84 16.95 -1.21
N GLU A 61 -6.89 16.25 -0.63
CA GLU A 61 -5.76 16.87 0.13
C GLU A 61 -4.79 17.56 -0.83
N LEU A 62 -4.77 17.15 -2.09
CA LEU A 62 -3.92 17.88 -3.05
C LEU A 62 -4.78 18.84 -3.87
N TYR A 63 -6.08 18.98 -3.54
CA TYR A 63 -7.09 19.88 -4.21
C TYR A 63 -7.22 19.52 -5.69
N LEU A 64 -7.13 18.21 -5.99
CA LEU A 64 -7.32 17.68 -7.35
C LEU A 64 -8.72 17.08 -7.38
N GLU A 65 -9.53 17.54 -8.34
CA GLU A 65 -10.87 16.99 -8.62
C GLU A 65 -10.74 15.81 -9.56
N ILE A 66 -11.08 14.63 -9.05
CA ILE A 66 -11.31 13.43 -9.89
C ILE A 66 -12.46 13.78 -10.84
N PRO A 67 -12.33 13.48 -12.15
CA PRO A 67 -13.28 13.99 -13.15
C PRO A 67 -14.68 13.36 -13.03
N PHE A 68 -14.80 12.13 -12.55
CA PHE A 68 -16.12 11.49 -12.34
C PHE A 68 -16.28 11.03 -10.90
N ASP A 69 -17.52 10.73 -10.56
CA ASP A 69 -17.88 10.30 -9.18
C ASP A 69 -17.46 8.84 -9.00
N LYS A 70 -17.57 8.35 -7.77
CA LYS A 70 -17.05 7.04 -7.34
C LYS A 70 -17.70 5.90 -8.15
N ALA A 71 -19.01 5.99 -8.40
CA ALA A 71 -19.77 4.96 -9.13
C ALA A 71 -19.22 4.90 -10.55
N GLU A 72 -18.88 6.04 -11.14
CA GLU A 72 -18.42 6.05 -12.53
C GLU A 72 -17.01 5.43 -12.61
N LEU A 73 -16.16 5.75 -11.63
CA LEU A 73 -14.76 5.27 -11.58
C LEU A 73 -14.81 3.74 -11.42
N ARG A 74 -15.70 3.28 -10.55
CA ARG A 74 -15.96 1.84 -10.29
C ARG A 74 -16.38 1.18 -11.62
N ARG A 75 -17.32 1.82 -12.33
CA ARG A 75 -17.78 1.34 -13.64
C ARG A 75 -16.55 1.21 -14.55
N GLN A 76 -15.66 2.20 -14.54
CA GLN A 76 -14.55 2.18 -15.52
C GLN A 76 -13.57 1.09 -15.17
N ILE A 77 -13.37 0.83 -13.89
CA ILE A 77 -12.45 -0.22 -13.39
C ILE A 77 -12.98 -1.58 -13.87
N TYR A 78 -14.27 -1.83 -13.66
CA TYR A 78 -14.94 -3.11 -14.01
C TYR A 78 -14.85 -3.27 -15.53
N ALA A 79 -15.14 -2.18 -16.24
CA ALA A 79 -15.08 -2.15 -17.72
C ALA A 79 -13.68 -2.54 -18.17
N LEU A 80 -12.65 -2.05 -17.49
CA LEU A 80 -11.26 -2.36 -17.92
C LEU A 80 -10.92 -3.82 -17.58
N LEU A 81 -11.44 -4.36 -16.49
CA LEU A 81 -11.25 -5.84 -16.25
C LEU A 81 -11.89 -6.66 -17.40
N GLN A 82 -13.06 -6.24 -17.87
CA GLN A 82 -13.82 -7.03 -18.88
C GLN A 82 -13.07 -6.93 -20.20
N ALA A 83 -12.58 -5.74 -20.51
CA ALA A 83 -11.89 -5.46 -21.77
C ALA A 83 -10.60 -6.29 -21.82
N ASN A 84 -9.92 -6.44 -20.70
CA ASN A 84 -8.66 -7.22 -20.66
C ASN A 84 -9.00 -8.69 -20.46
N GLU A 85 -10.26 -9.01 -20.14
CA GLU A 85 -10.73 -10.40 -19.99
C GLU A 85 -9.93 -11.08 -18.88
N VAL A 86 -9.83 -10.42 -17.73
CA VAL A 86 -9.02 -10.92 -16.58
C VAL A 86 -9.88 -10.89 -15.32
N ARG A 87 -9.69 -11.92 -14.48
CA ARG A 87 -10.39 -12.16 -13.18
C ARG A 87 -9.45 -11.88 -12.01
N GLU A 88 -8.14 -12.00 -12.22
CA GLU A 88 -7.07 -11.88 -11.20
C GLU A 88 -6.16 -10.76 -11.69
N ALA A 89 -5.94 -9.69 -10.91
CA ALA A 89 -5.07 -8.59 -11.41
C ALA A 89 -4.62 -7.67 -10.30
N GLY A 90 -3.52 -6.95 -10.60
CA GLY A 90 -3.17 -5.69 -9.93
C GLY A 90 -3.71 -4.49 -10.69
N ILE A 91 -4.24 -3.51 -9.98
CA ILE A 91 -4.84 -2.28 -10.59
C ILE A 91 -4.18 -1.08 -9.93
N ILE A 92 -3.52 -0.24 -10.70
CA ILE A 92 -2.98 1.08 -10.24
C ILE A 92 -3.99 2.15 -10.61
N LEU A 93 -4.29 3.06 -9.69
CA LEU A 93 -4.96 4.35 -10.03
C LEU A 93 -3.92 5.45 -9.89
N VAL A 94 -3.80 6.36 -10.84
CA VAL A 94 -2.92 7.56 -10.65
C VAL A 94 -3.76 8.77 -11.02
N LEU A 95 -3.60 9.80 -10.22
CA LEU A 95 -4.19 11.11 -10.45
C LEU A 95 -3.08 12.16 -10.34
N THR A 96 -2.66 12.72 -11.48
CA THR A 96 -1.52 13.68 -11.53
C THR A 96 -2.09 15.08 -11.40
N GLY A 97 -1.23 16.06 -11.23
CA GLY A 97 -1.61 17.49 -11.22
C GLY A 97 -1.95 18.01 -12.59
N GLY A 98 -1.79 17.25 -13.66
CA GLY A 98 -2.29 17.71 -14.96
C GLY A 98 -1.22 18.42 -15.76
N TYR A 99 -1.59 18.78 -16.98
CA TYR A 99 -0.77 19.50 -17.99
C TYR A 99 -0.78 20.99 -17.64
N SER A 100 0.05 21.36 -16.65
CA SER A 100 0.12 22.72 -16.07
C SER A 100 0.60 23.69 -17.13
N PRO A 101 0.04 24.92 -17.23
CA PRO A 101 0.63 25.94 -18.11
C PRO A 101 2.00 26.46 -17.67
N ASP A 102 2.38 26.34 -16.42
CA ASP A 102 3.60 27.04 -15.92
C ASP A 102 4.54 26.06 -15.23
N GLY A 103 4.29 24.76 -15.43
CA GLY A 103 5.10 23.69 -14.85
C GLY A 103 5.14 23.76 -13.32
N TYR A 104 4.05 24.19 -12.68
CA TYR A 104 3.88 24.29 -11.22
C TYR A 104 2.41 24.32 -10.81
N THR A 105 1.59 25.20 -11.37
CA THR A 105 0.16 25.32 -10.97
C THR A 105 -0.63 24.14 -11.54
N PRO A 106 -1.31 23.38 -10.66
CA PRO A 106 -2.11 22.28 -11.13
C PRO A 106 -3.37 22.79 -11.82
N VAL A 107 -3.81 21.93 -12.73
CA VAL A 107 -5.06 22.14 -13.50
C VAL A 107 -5.93 20.89 -13.38
N ASN A 108 -6.77 20.67 -14.39
CA ASN A 108 -7.48 19.37 -14.50
C ASN A 108 -6.41 18.29 -14.39
N PRO A 109 -6.63 17.33 -13.51
CA PRO A 109 -5.70 16.24 -13.35
C PRO A 109 -5.82 15.25 -14.52
N ASN A 110 -4.75 14.49 -14.78
CA ASN A 110 -4.75 13.29 -15.64
C ASN A 110 -5.07 12.10 -14.72
N LEU A 111 -6.08 11.31 -15.10
CA LEU A 111 -6.45 10.06 -14.37
C LEU A 111 -5.97 8.88 -15.17
N LEU A 112 -5.21 8.01 -14.53
CA LEU A 112 -4.69 6.78 -15.13
C LEU A 112 -5.31 5.59 -14.41
N ILE A 113 -5.76 4.59 -15.17
CA ILE A 113 -6.05 3.25 -14.59
C ILE A 113 -5.20 2.28 -15.39
N MET A 114 -4.26 1.66 -14.71
CA MET A 114 -3.38 0.61 -15.28
C MET A 114 -3.65 -0.73 -14.60
N MET A 115 -3.34 -1.80 -15.34
CA MET A 115 -3.65 -3.20 -14.97
C MET A 115 -2.49 -4.14 -15.31
N TYR A 116 -2.21 -5.03 -14.36
CA TYR A 116 -1.13 -6.03 -14.37
C TYR A 116 -1.69 -7.39 -13.92
N ASP A 117 -0.96 -8.45 -14.20
CA ASP A 117 -1.18 -9.78 -13.59
C ASP A 117 -1.17 -9.58 -12.08
N LEU A 118 -1.89 -10.43 -11.38
CA LEU A 118 -1.80 -10.52 -9.92
C LEU A 118 -0.34 -10.85 -9.64
N PRO A 119 0.34 -10.12 -8.75
CA PRO A 119 1.75 -10.36 -8.52
C PRO A 119 1.95 -11.84 -8.15
N ALA A 120 3.02 -12.47 -8.64
CA ALA A 120 3.43 -13.86 -8.31
C ALA A 120 3.49 -14.09 -6.79
N SER A 121 4.01 -13.09 -6.07
CA SER A 121 4.36 -13.09 -4.63
C SER A 121 3.17 -12.65 -3.77
N ALA A 122 2.01 -12.33 -4.36
CA ALA A 122 0.83 -11.84 -3.62
C ALA A 122 0.49 -12.86 -2.51
N TRP A 123 0.55 -12.43 -1.26
CA TRP A 123 0.15 -13.26 -0.08
C TRP A 123 0.97 -14.56 -0.04
N GLU A 124 2.24 -14.51 -0.39
CA GLU A 124 3.13 -15.70 -0.33
C GLU A 124 3.08 -16.30 1.09
N PHE A 125 2.99 -15.47 2.13
CA PHE A 125 2.90 -15.97 3.53
C PHE A 125 4.07 -16.94 3.80
N SER A 126 5.29 -16.52 3.49
CA SER A 126 6.49 -17.29 3.82
C SER A 126 6.53 -17.49 5.35
N ALA A 127 6.79 -18.70 5.81
CA ALA A 127 7.12 -19.00 7.23
C ALA A 127 8.46 -18.35 7.64
N GLN A 128 9.36 -18.06 6.70
CA GLN A 128 10.70 -17.45 6.98
C GLN A 128 10.50 -15.93 7.00
N GLY A 129 10.79 -15.26 8.12
CA GLY A 129 10.59 -13.80 8.26
C GLY A 129 11.59 -13.03 7.42
N ILE A 130 11.23 -11.87 6.88
CA ILE A 130 12.21 -11.12 6.04
C ILE A 130 13.24 -10.41 6.93
N LYS A 131 14.32 -9.95 6.30
CA LYS A 131 15.45 -9.23 6.93
C LYS A 131 15.31 -7.74 6.54
N ILE A 132 15.17 -6.86 7.52
CA ILE A 132 14.95 -5.40 7.24
C ILE A 132 15.88 -4.55 8.10
N ILE A 133 16.09 -3.33 7.66
CA ILE A 133 16.92 -2.33 8.38
C ILE A 133 16.02 -1.17 8.80
N THR A 134 16.38 -0.56 9.92
CA THR A 134 15.81 0.74 10.35
C THR A 134 16.41 1.85 9.49
N HIS A 135 15.62 2.85 9.16
CA HIS A 135 16.12 4.05 8.44
C HIS A 135 15.48 5.27 9.06
N PRO A 136 16.25 6.26 9.54
CA PRO A 136 15.65 7.49 10.09
C PRO A 136 15.05 8.40 9.00
N PHE A 137 13.76 8.65 9.03
CA PHE A 137 13.00 9.34 7.95
C PHE A 137 11.54 9.48 8.39
N GLN A 138 10.90 10.55 7.94
CA GLN A 138 9.44 10.82 8.05
C GLN A 138 8.92 11.24 6.65
N ARG A 139 8.05 10.43 6.07
CA ARG A 139 7.28 10.77 4.84
C ARG A 139 6.55 12.12 5.03
N GLU A 140 6.41 12.82 3.91
CA GLU A 140 5.68 14.10 3.71
C GLU A 140 4.21 13.75 3.55
N LEU A 141 3.31 14.59 4.08
CA LEU A 141 1.84 14.36 3.99
C LEU A 141 1.56 12.87 4.20
N PRO A 142 2.05 12.25 5.29
CA PRO A 142 1.97 10.79 5.43
C PRO A 142 0.54 10.22 5.38
N GLU A 143 -0.50 11.00 5.69
CA GLU A 143 -1.88 10.49 5.64
C GLU A 143 -2.33 10.37 4.18
N VAL A 144 -1.59 10.95 3.24
CA VAL A 144 -2.04 11.00 1.80
C VAL A 144 -1.19 10.00 1.03
N LYS A 145 -1.86 9.15 0.23
CA LYS A 145 -1.15 8.22 -0.68
C LYS A 145 -0.72 9.02 -1.92
N THR A 146 0.34 9.84 -1.77
CA THR A 146 1.04 10.57 -2.86
C THR A 146 1.79 9.61 -3.77
N ILE A 147 2.27 10.12 -4.92
CA ILE A 147 3.21 9.43 -5.82
C ILE A 147 4.64 9.62 -5.30
N ASN A 148 4.90 10.23 -4.13
CA ASN A 148 6.29 10.60 -3.73
CA ASN A 148 6.30 10.58 -3.74
C ASN A 148 6.94 9.40 -2.99
N TYR A 149 7.68 8.57 -3.73
CA TYR A 149 8.37 7.36 -3.18
C TYR A 149 9.87 7.48 -3.41
N SER A 150 10.42 8.70 -3.51
CA SER A 150 11.85 8.82 -3.86
C SER A 150 12.75 8.27 -2.74
N THR A 151 12.51 8.52 -1.44
CA THR A 151 13.40 8.00 -0.36
C THR A 151 13.42 6.47 -0.41
N GLY A 152 12.25 5.83 -0.42
CA GLY A 152 12.18 4.36 -0.46
C GLY A 152 12.87 3.80 -1.70
N ILE A 153 12.72 4.45 -2.86
CA ILE A 153 13.34 3.90 -4.12
C ILE A 153 14.87 4.09 -4.09
N ARG A 154 15.30 5.21 -3.57
CA ARG A 154 16.73 5.60 -3.52
C ARG A 154 17.45 4.65 -2.53
N MET A 155 16.74 4.22 -1.49
CA MET A 155 17.28 3.33 -0.43
C MET A 155 17.48 1.89 -0.97
N LEU A 156 16.86 1.53 -2.11
CA LEU A 156 16.93 0.13 -2.62
C LEU A 156 18.38 -0.35 -2.59
N LYS A 157 19.29 0.51 -3.03
CA LYS A 157 20.69 0.08 -3.24
C LYS A 157 21.27 -0.27 -1.88
N THR A 158 21.09 0.57 -0.87
CA THR A 158 21.66 0.38 0.48
C THR A 158 21.02 -0.85 1.12
N ILE A 159 19.70 -1.00 0.99
CA ILE A 159 18.93 -2.18 1.50
C ILE A 159 19.59 -3.46 0.98
N LYS A 160 19.72 -3.59 -0.34
CA LYS A 160 20.26 -4.83 -0.97
C LYS A 160 21.73 -4.98 -0.55
N GLU A 161 22.49 -3.88 -0.59
CA GLU A 161 23.91 -3.85 -0.17
C GLU A 161 24.04 -4.50 1.21
N ARG A 162 23.14 -4.16 2.14
CA ARG A 162 23.33 -4.49 3.57
C ARG A 162 22.77 -5.86 3.88
N GLY A 163 22.26 -6.57 2.88
CA GLY A 163 21.71 -7.91 3.02
C GLY A 163 20.24 -7.90 3.46
N ALA A 164 19.56 -6.76 3.37
CA ALA A 164 18.12 -6.63 3.71
C ALA A 164 17.25 -6.76 2.46
N THR A 165 15.94 -6.92 2.62
CA THR A 165 15.02 -6.78 1.45
C THR A 165 14.09 -5.58 1.65
N ASP A 166 14.16 -4.90 2.78
CA ASP A 166 13.21 -3.79 3.02
C ASP A 166 13.69 -2.95 4.20
N LEU A 167 12.96 -1.90 4.51
CA LEU A 167 13.30 -0.99 5.61
C LEU A 167 12.07 -0.68 6.45
N ILE A 168 12.32 -0.04 7.58
CA ILE A 168 11.29 0.51 8.49
C ILE A 168 11.77 1.92 8.82
N TYR A 169 10.96 2.90 8.42
CA TYR A 169 11.21 4.33 8.68
C TYR A 169 11.01 4.60 10.16
N VAL A 170 12.00 5.24 10.75
CA VAL A 170 11.88 5.71 12.13
C VAL A 170 12.03 7.24 12.10
N ASP A 171 10.94 7.94 12.38
CA ASP A 171 10.90 9.43 12.52
C ASP A 171 11.90 9.89 13.61
N GLN A 172 12.95 10.54 13.12
CA GLN A 172 14.14 11.09 13.81
C GLN A 172 14.86 10.02 14.62
N GLY A 173 14.93 8.81 14.10
CA GLY A 173 15.46 7.65 14.84
C GLY A 173 14.71 7.38 16.14
N GLU A 174 13.54 7.94 16.37
CA GLU A 174 12.84 7.73 17.67
C GLU A 174 11.54 6.93 17.49
N TRP A 175 10.70 7.30 16.51
CA TRP A 175 9.29 6.85 16.43
C TRP A 175 9.13 5.97 15.18
N ILE A 176 8.73 4.72 15.40
CA ILE A 176 8.53 3.69 14.37
C ILE A 176 7.30 4.14 13.56
N ARG A 177 7.44 4.18 12.24
CA ARG A 177 6.27 4.50 11.41
C ARG A 177 5.85 3.30 10.55
N GLU A 178 6.46 3.22 9.37
CA GLU A 178 6.04 2.30 8.30
C GLU A 178 7.22 2.15 7.33
N SER A 179 7.16 1.19 6.40
CA SER A 179 8.08 1.17 5.23
C SER A 179 7.51 2.11 4.15
N ALA A 180 8.16 2.17 2.98
CA ALA A 180 7.77 3.03 1.84
C ALA A 180 6.40 2.58 1.35
N ARG A 181 6.04 1.29 1.49
CA ARG A 181 4.83 0.72 0.83
C ARG A 181 4.06 -0.22 1.75
N SER A 182 4.44 -0.36 3.03
CA SER A 182 3.79 -1.29 4.01
C SER A 182 3.55 -0.65 5.38
N ASN A 183 2.45 -0.99 6.03
CA ASN A 183 2.28 -0.67 7.46
C ASN A 183 3.09 -1.69 8.31
N PHE A 184 3.42 -1.29 9.53
CA PHE A 184 4.35 -2.03 10.41
C PHE A 184 3.62 -2.30 11.71
N PHE A 185 3.78 -3.52 12.22
CA PHE A 185 3.16 -3.94 13.48
C PHE A 185 4.11 -4.76 14.31
N LEU A 186 3.90 -4.69 15.62
CA LEU A 186 4.66 -5.43 16.66
C LEU A 186 3.63 -6.29 17.37
N VAL A 187 4.02 -7.53 17.73
CA VAL A 187 3.23 -8.30 18.73
C VAL A 187 4.05 -8.41 20.00
N MET A 188 3.46 -7.96 21.11
CA MET A 188 4.17 -8.03 22.40
C MET A 188 4.07 -9.44 22.98
N PRO A 189 4.95 -9.82 23.91
CA PRO A 189 4.91 -11.15 24.49
C PRO A 189 3.57 -11.46 25.20
N ASP A 190 2.82 -10.48 25.71
CA ASP A 190 1.43 -10.70 26.22
C ASP A 190 0.40 -10.78 25.09
N ASN A 191 0.81 -10.70 23.83
CA ASN A 191 -0.04 -10.87 22.62
C ASN A 191 -0.80 -9.58 22.27
N THR A 192 -0.59 -8.49 22.99
CA THR A 192 -0.96 -7.12 22.56
C THR A 192 -0.30 -6.83 21.21
N ILE A 193 -1.12 -6.37 20.26
CA ILE A 193 -0.63 -5.95 18.92
C ILE A 193 -0.45 -4.43 18.97
N VAL A 194 0.71 -3.95 18.51
CA VAL A 194 0.99 -2.50 18.50
C VAL A 194 1.27 -2.05 17.08
N THR A 195 0.71 -0.91 16.71
CA THR A 195 1.04 -0.25 15.41
C THR A 195 0.88 1.26 15.55
N ALA A 196 1.52 2.01 14.68
CA ALA A 196 1.53 3.48 14.72
C ALA A 196 0.12 4.00 14.37
N ASP A 197 -0.33 5.06 15.07
CA ASP A 197 -1.64 5.72 14.75
C ASP A 197 -1.43 6.99 13.92
N GLU A 198 -0.37 7.76 14.15
CA GLU A 198 -0.16 9.08 13.55
C GLU A 198 1.03 9.08 12.57
N LYS A 199 1.00 9.99 11.58
CA LYS A 199 2.08 10.26 10.59
C LYS A 199 2.48 8.99 9.83
N ILE A 200 1.47 8.19 9.49
CA ILE A 200 1.60 7.00 8.61
C ILE A 200 0.37 6.99 7.73
N LEU A 201 0.47 6.29 6.60
CA LEU A 201 -0.66 6.10 5.68
C LEU A 201 -1.58 5.09 6.35
N TRP A 202 -2.87 5.37 6.45
CA TRP A 202 -3.89 4.37 6.94
C TRP A 202 -4.18 3.33 5.84
N GLY A 203 -3.42 2.23 5.82
CA GLY A 203 -3.56 1.19 4.79
C GLY A 203 -4.91 0.47 4.86
N ILE A 204 -5.34 -0.07 3.72
CA ILE A 204 -6.58 -0.89 3.67
C ILE A 204 -6.30 -2.26 4.30
N THR A 205 -5.10 -2.79 4.11
CA THR A 205 -4.70 -4.07 4.76
C THR A 205 -4.64 -3.89 6.29
N ARG A 206 -3.91 -2.88 6.77
CA ARG A 206 -3.84 -2.46 8.19
C ARG A 206 -5.24 -2.37 8.80
N ARG A 207 -6.21 -1.83 8.08
CA ARG A 207 -7.61 -1.69 8.57
C ARG A 207 -8.21 -3.08 8.80
N GLN A 208 -8.18 -3.95 7.79
CA GLN A 208 -8.76 -5.31 7.80
C GLN A 208 -8.06 -6.20 8.86
N VAL A 209 -6.73 -6.11 8.96
CA VAL A 209 -5.95 -6.84 10.00
C VAL A 209 -6.31 -6.30 11.39
N ILE A 210 -6.40 -4.98 11.57
CA ILE A 210 -6.73 -4.48 12.93
C ILE A 210 -8.14 -4.99 13.33
N ASP A 211 -9.13 -4.83 12.45
CA ASP A 211 -10.51 -5.32 12.65
C ASP A 211 -10.49 -6.82 12.94
N ALA A 212 -9.77 -7.60 12.15
CA ALA A 212 -9.71 -9.05 12.37
C ALA A 212 -9.06 -9.36 13.74
N ALA A 213 -8.02 -8.66 14.14
CA ALA A 213 -7.35 -8.89 15.43
C ALA A 213 -8.34 -8.63 16.57
N ARG A 214 -9.08 -7.52 16.51
CA ARG A 214 -10.03 -7.14 17.59
C ARG A 214 -11.20 -8.13 17.63
N GLU A 215 -11.56 -8.72 16.49
CA GLU A 215 -12.66 -9.71 16.39
C GLU A 215 -12.20 -11.01 17.03
N ALA A 216 -10.89 -11.30 17.01
CA ALA A 216 -10.31 -12.52 17.61
C ALA A 216 -10.04 -12.30 19.10
N GLY A 217 -10.27 -11.08 19.60
CA GLY A 217 -10.17 -10.75 21.02
C GLY A 217 -8.79 -10.24 21.37
N TYR A 218 -7.93 -9.97 20.39
CA TYR A 218 -6.61 -9.30 20.66
C TYR A 218 -6.82 -7.84 21.07
N ALA A 219 -6.00 -7.40 22.01
CA ALA A 219 -5.74 -5.99 22.34
C ALA A 219 -4.86 -5.44 21.23
N VAL A 220 -5.34 -4.37 20.58
CA VAL A 220 -4.66 -3.69 19.45
C VAL A 220 -4.51 -2.23 19.85
N GLU A 221 -3.27 -1.85 20.13
CA GLU A 221 -2.89 -0.49 20.55
C GLU A 221 -2.38 0.27 19.32
N GLU A 222 -3.07 1.38 18.97
CA GLU A 222 -2.68 2.37 17.94
C GLU A 222 -2.13 3.60 18.66
N ARG A 223 -0.83 3.78 18.61
CA ARG A 223 -0.11 4.72 19.50
C ARG A 223 1.24 5.05 18.86
N ARG A 224 1.98 5.99 19.41
CA ARG A 224 3.39 6.17 19.00
C ARG A 224 4.18 4.99 19.59
N ILE A 225 5.19 4.52 18.86
CA ILE A 225 6.02 3.34 19.22
C ILE A 225 7.46 3.85 19.30
N HIS A 226 8.08 3.75 20.47
CA HIS A 226 9.49 4.19 20.59
C HIS A 226 10.34 3.12 19.92
N ILE A 227 11.49 3.51 19.36
CA ILE A 227 12.43 2.55 18.69
C ILE A 227 12.92 1.50 19.69
N THR A 228 13.12 1.86 20.96
CA THR A 228 13.52 0.90 22.02
C THR A 228 12.42 -0.15 22.23
N GLU A 229 11.17 0.10 21.85
CA GLU A 229 10.12 -0.90 22.12
C GLU A 229 10.25 -2.11 21.16
N LEU A 230 11.15 -2.08 20.17
CA LEU A 230 11.44 -3.29 19.34
C LEU A 230 11.90 -4.42 20.25
N ASP A 231 12.68 -4.08 21.26
CA ASP A 231 13.22 -5.05 22.26
C ASP A 231 12.08 -5.64 23.10
N GLN A 232 10.93 -4.99 23.20
CA GLN A 232 9.79 -5.56 23.97
C GLN A 232 9.01 -6.56 23.11
N ALA A 233 9.08 -6.48 21.79
CA ALA A 233 8.21 -7.27 20.87
C ALA A 233 8.71 -8.72 20.65
N ARG A 234 7.78 -9.65 20.58
CA ARG A 234 8.06 -11.04 20.18
C ARG A 234 8.10 -11.15 18.66
N GLU A 235 7.20 -10.40 18.00
CA GLU A 235 6.93 -10.51 16.56
C GLU A 235 6.89 -9.11 15.96
N ALA A 236 7.20 -9.08 14.65
CA ALA A 236 7.10 -7.91 13.76
C ALA A 236 6.54 -8.41 12.44
N PHE A 237 5.59 -7.69 11.85
CA PHE A 237 5.12 -7.96 10.49
C PHE A 237 4.77 -6.65 9.77
N PHE A 238 4.73 -6.77 8.46
CA PHE A 238 4.17 -5.74 7.56
C PHE A 238 2.77 -6.19 7.14
N THR A 239 1.96 -5.20 6.83
CA THR A 239 0.74 -5.37 6.01
C THR A 239 0.87 -4.48 4.75
N SER A 240 0.36 -4.97 3.64
CA SER A 240 0.22 -4.18 2.40
C SER A 240 -0.72 -4.93 1.48
N THR A 241 -1.25 -4.22 0.51
CA THR A 241 -2.11 -4.87 -0.52
C THR A 241 -1.44 -6.14 -1.07
N ILE A 242 -0.19 -6.11 -1.48
CA ILE A 242 0.47 -7.32 -2.09
C ILE A 242 0.95 -8.32 -1.03
N LYS A 243 1.40 -7.87 0.14
CA LYS A 243 2.02 -8.77 1.14
C LYS A 243 0.96 -9.51 1.95
N GLY A 244 -0.20 -8.87 2.07
CA GLY A 244 -1.20 -9.23 3.07
C GLY A 244 -0.58 -9.04 4.44
N VAL A 245 -0.18 -10.14 5.10
CA VAL A 245 0.58 -10.11 6.39
C VAL A 245 1.89 -10.81 6.14
N MET A 246 3.03 -10.14 6.36
CA MET A 246 4.34 -10.71 6.04
C MET A 246 5.22 -10.67 7.29
N ALA A 247 5.70 -11.85 7.71
CA ALA A 247 6.60 -12.05 8.84
C ALA A 247 7.91 -11.28 8.60
N ILE A 248 8.34 -10.55 9.60
CA ILE A 248 9.69 -9.94 9.67
C ILE A 248 10.47 -10.74 10.73
N GLY A 249 11.53 -11.36 10.25
CA GLY A 249 12.32 -12.25 11.08
C GLY A 249 13.54 -11.56 11.63
N GLN A 250 13.94 -10.41 11.08
CA GLN A 250 15.17 -9.70 11.51
C GLN A 250 15.05 -8.21 11.24
N ILE A 251 15.35 -7.38 12.26
CA ILE A 251 15.45 -5.90 12.10
C ILE A 251 16.85 -5.53 12.56
N ASP A 252 17.70 -5.04 11.65
CA ASP A 252 19.11 -4.74 11.96
C ASP A 252 19.73 -6.02 12.57
N ASP A 253 20.15 -5.94 13.85
CA ASP A 253 20.94 -7.03 14.52
C ASP A 253 20.06 -7.86 15.46
N ARG A 254 18.74 -7.62 15.47
CA ARG A 254 17.71 -8.39 16.25
C ARG A 254 17.00 -9.41 15.37
N VAL A 255 17.14 -10.69 15.77
CA VAL A 255 16.26 -11.77 15.27
C VAL A 255 15.05 -11.81 16.16
N PHE A 256 13.87 -11.80 15.55
CA PHE A 256 12.58 -12.04 16.23
C PHE A 256 12.38 -13.55 16.36
N GLY A 257 12.39 -14.00 17.61
CA GLY A 257 12.31 -15.43 17.91
C GLY A 257 13.43 -16.09 17.16
N ASP A 258 13.11 -17.12 16.40
CA ASP A 258 14.09 -17.93 15.65
C ASP A 258 14.12 -17.46 14.18
N GLY A 259 13.49 -16.32 13.87
CA GLY A 259 13.45 -15.79 12.49
C GLY A 259 12.27 -16.29 11.69
N THR A 260 11.54 -17.29 12.18
CA THR A 260 10.35 -17.85 11.49
C THR A 260 9.09 -17.18 12.03
N ILE A 261 8.02 -17.26 11.26
CA ILE A 261 6.79 -16.46 11.50
C ILE A 261 6.27 -16.72 12.92
N GLY A 262 5.81 -15.68 13.60
CA GLY A 262 5.33 -15.80 15.00
C GLY A 262 3.88 -16.26 15.03
N LYS A 263 3.39 -16.66 16.19
CA LYS A 263 2.07 -17.36 16.29
C LYS A 263 0.96 -16.38 15.87
N VAL A 264 1.04 -15.14 16.33
CA VAL A 264 -0.07 -14.15 16.12
C VAL A 264 -0.02 -13.73 14.65
N THR A 265 1.17 -13.49 14.10
CA THR A 265 1.37 -13.19 12.68
C THR A 265 0.71 -14.27 11.84
N GLN A 266 0.94 -15.56 12.14
CA GLN A 266 0.34 -16.67 11.36
C GLN A 266 -1.18 -16.57 11.48
N GLU A 267 -1.70 -16.36 12.70
CA GLU A 267 -3.18 -16.31 12.89
C GLU A 267 -3.79 -15.13 12.11
N LEU A 268 -3.07 -14.01 12.08
CA LEU A 268 -3.51 -12.79 11.35
C LEU A 268 -3.49 -13.02 9.82
N GLN A 269 -2.55 -13.82 9.30
CA GLN A 269 -2.53 -14.27 7.87
C GLN A 269 -3.82 -14.99 7.56
N ASP A 270 -4.18 -15.98 8.36
CA ASP A 270 -5.47 -16.70 8.16
C ASP A 270 -6.66 -15.73 8.25
N LEU A 271 -6.69 -14.85 9.22
CA LEU A 271 -7.88 -13.98 9.41
C LEU A 271 -7.99 -12.98 8.26
N PHE A 272 -6.85 -12.50 7.76
CA PHE A 272 -6.82 -11.61 6.57
C PHE A 272 -7.48 -12.32 5.37
N VAL A 273 -7.08 -13.54 5.10
CA VAL A 273 -7.71 -14.39 4.06
C VAL A 273 -9.20 -14.53 4.37
N GLY A 274 -9.58 -14.69 5.64
CA GLY A 274 -11.01 -14.67 6.04
C GLY A 274 -11.77 -13.42 5.62
N LYS A 275 -11.18 -12.25 5.83
CA LYS A 275 -11.75 -10.95 5.42
C LYS A 275 -11.92 -10.89 3.88
N VAL A 276 -10.92 -11.39 3.15
CA VAL A 276 -10.95 -11.42 1.66
C VAL A 276 -12.16 -12.25 1.23
N LYS A 277 -12.20 -13.49 1.68
CA LYS A 277 -13.28 -14.46 1.34
C LYS A 277 -14.63 -13.84 1.69
N ALA A 278 -14.78 -13.26 2.89
CA ALA A 278 -16.05 -12.61 3.30
C ALA A 278 -16.37 -11.45 2.35
N TYR A 279 -15.36 -10.72 1.86
CA TYR A 279 -15.61 -9.60 0.90
C TYR A 279 -16.16 -10.19 -0.41
N LEU A 280 -15.51 -11.22 -0.93
CA LEU A 280 -15.81 -11.84 -2.24
C LEU A 280 -17.21 -12.46 -2.16
N GLU A 281 -17.65 -12.95 -1.00
CA GLU A 281 -19.02 -13.51 -0.80
C GLU A 281 -20.08 -12.41 -0.90
N THR A 282 -19.78 -11.14 -0.62
CA THR A 282 -20.70 -9.99 -0.86
C THR A 282 -20.69 -9.47 -2.32
N CYS A 283 -19.81 -9.91 -3.22
CA CYS A 283 -19.85 -9.49 -4.65
C CYS A 283 -20.68 -10.48 -5.48
N1 PLP B . 2.38 2.77 3.56
C2 PLP B . 2.52 3.54 2.49
C2A PLP B . 3.44 4.72 2.55
C3 PLP B . 1.82 3.27 1.34
O3 PLP B . 1.98 4.08 0.27
C4 PLP B . 0.89 2.21 1.30
C4A PLP B . 0.13 2.07 0.06
C5 PLP B . 0.77 1.41 2.45
C6 PLP B . 1.53 1.72 3.54
C5A PLP B . -0.10 0.19 2.49
O4P PLP B . -1.50 0.46 2.19
P PLP B . -2.45 -0.78 1.73
O1P PLP B . -3.75 -0.03 1.46
O2P PLP B . -1.76 -1.33 0.47
O3P PLP B . -2.50 -1.91 2.79
#